data_6Q4C
#
_entry.id   6Q4C
#
_cell.length_a   52.963
_cell.length_b   71.491
_cell.length_c   71.970
_cell.angle_alpha   90.00
_cell.angle_beta   90.00
_cell.angle_gamma   90.00
#
_symmetry.space_group_name_H-M   'P 21 21 21'
#
loop_
_entity.id
_entity.type
_entity.pdbx_description
1 polymer 'Cyclin-dependent kinase 2'
2 non-polymer 4-bromanyl-1,8-naphthyridine
3 water water
#
_entity_poly.entity_id   1
_entity_poly.type   'polypeptide(L)'
_entity_poly.pdbx_seq_one_letter_code
;GPLGSPEFMENFQKVEKIGEGTYGVVYKARNKLTGEVVALKKIRLDTETEGVPSTAIREISLLKELNHPNIVKLLDVIHT
ENKLYLVFEFLHQDLKKFMDASALTGIPLPLIKSYLFQLLQGLAFCHSHRVLHRDLKPQNLLINTEGAIKLADFGLARAF
GVPVRTYTHEVVTLWYRAPEILLGCKYYSTAVDIWSLGCIFAEMVTRRALFPGDSEIDQLFRIFRTLGTPDEVVWPGVTS
MPDYKPSFPKWARQDFSKVVPPLDEDGRSLLSQMLHYDPNKRISAKAALAHPFFQDVTKPVPHLRL
;
_entity_poly.pdbx_strand_id   A
#
loop_
_chem_comp.id
_chem_comp.type
_chem_comp.name
_chem_comp.formula
HH8 non-polymer 4-bromanyl-1,8-naphthyridine 'C8 H5 Br N2'
#
# COMPACT_ATOMS: atom_id res chain seq x y z
N GLU A 7 21.73 -23.69 -6.87
CA GLU A 7 22.07 -24.35 -5.56
C GLU A 7 21.35 -23.66 -4.40
N PHE A 8 20.74 -22.49 -4.64
CA PHE A 8 20.29 -21.57 -3.56
C PHE A 8 19.21 -22.25 -2.70
N MET A 9 18.21 -22.86 -3.33
CA MET A 9 17.06 -23.51 -2.63
C MET A 9 17.55 -24.83 -2.01
N GLU A 10 18.74 -24.83 -1.41
CA GLU A 10 19.38 -26.03 -0.78
C GLU A 10 19.91 -25.69 0.62
N ASN A 11 20.25 -24.41 0.87
CA ASN A 11 20.51 -23.87 2.23
C ASN A 11 19.18 -23.31 2.78
N PHE A 12 18.08 -23.88 2.29
CA PHE A 12 16.74 -23.93 2.93
C PHE A 12 16.35 -25.40 3.09
N GLN A 13 15.96 -25.80 4.30
CA GLN A 13 15.55 -27.19 4.63
C GLN A 13 14.50 -27.61 3.60
N LYS A 14 13.55 -26.72 3.29
CA LYS A 14 12.49 -26.99 2.30
C LYS A 14 11.91 -25.67 1.80
N VAL A 15 10.93 -25.73 0.89
CA VAL A 15 10.46 -24.55 0.10
C VAL A 15 9.14 -24.89 -0.61
N GLU A 16 8.06 -24.19 -0.24
CA GLU A 16 6.72 -24.29 -0.87
C GLU A 16 6.25 -22.89 -1.33
N LYS A 17 5.21 -22.82 -2.17
CA LYS A 17 4.84 -21.63 -2.97
C LYS A 17 3.63 -20.91 -2.35
N ILE A 18 3.85 -19.76 -1.71
CA ILE A 18 2.78 -18.91 -1.13
C ILE A 18 1.95 -18.34 -2.28
N GLY A 19 2.61 -18.00 -3.40
CA GLY A 19 1.92 -17.45 -4.58
C GLY A 19 2.84 -16.67 -5.49
N GLU A 20 2.23 -15.71 -6.20
CA GLU A 20 2.80 -14.98 -7.38
C GLU A 20 2.88 -13.49 -7.03
N GLY A 21 4.09 -12.99 -6.83
CA GLY A 21 4.32 -11.57 -6.51
C GLY A 21 4.27 -10.75 -7.77
N THR A 22 4.36 -9.42 -7.63
CA THR A 22 4.58 -8.47 -8.74
C THR A 22 5.80 -8.94 -9.55
N TYR A 23 6.91 -9.25 -8.87
CA TYR A 23 8.27 -9.36 -9.46
C TYR A 23 8.71 -10.81 -9.64
N GLY A 24 8.10 -11.74 -8.92
CA GLY A 24 8.52 -13.15 -8.98
C GLY A 24 7.71 -14.04 -8.05
N VAL A 25 8.07 -15.31 -7.96
CA VAL A 25 7.29 -16.29 -7.14
C VAL A 25 7.65 -16.01 -5.67
N VAL A 26 6.70 -16.23 -4.76
CA VAL A 26 6.90 -16.10 -3.29
C VAL A 26 6.76 -17.49 -2.69
N TYR A 27 7.78 -17.90 -1.96
CA TYR A 27 7.90 -19.23 -1.35
C TYR A 27 7.89 -19.05 0.16
N LYS A 28 7.36 -20.05 0.83
CA LYS A 28 7.60 -20.21 2.28
C LYS A 28 8.76 -21.17 2.38
N ALA A 29 9.77 -20.86 3.19
CA ALA A 29 11.00 -21.65 3.31
C ALA A 29 11.54 -21.63 4.74
N ARG A 30 12.34 -22.64 5.10
CA ARG A 30 13.05 -22.71 6.40
C ARG A 30 14.55 -22.52 6.17
N ASN A 31 15.20 -21.68 6.97
CA ASN A 31 16.67 -21.47 6.97
C ASN A 31 17.30 -22.63 7.74
N LYS A 32 18.37 -23.23 7.24
CA LYS A 32 18.83 -24.51 7.83
C LYS A 32 19.76 -24.23 9.01
N LEU A 33 20.54 -23.14 8.96
CA LEU A 33 21.38 -22.70 10.10
C LEU A 33 20.46 -22.41 11.31
N THR A 34 19.43 -21.58 11.14
CA THR A 34 18.61 -21.01 12.25
C THR A 34 17.30 -21.80 12.47
N GLY A 35 16.83 -22.58 11.48
CA GLY A 35 15.52 -23.26 11.51
C GLY A 35 14.35 -22.29 11.36
N GLU A 36 14.61 -21.03 10.99
CA GLU A 36 13.53 -20.01 10.95
C GLU A 36 12.76 -20.17 9.64
N VAL A 37 11.49 -19.85 9.70
CA VAL A 37 10.52 -19.90 8.59
C VAL A 37 10.51 -18.49 8.04
N VAL A 38 10.70 -18.35 6.72
CA VAL A 38 10.83 -17.04 6.04
C VAL A 38 9.97 -17.04 4.77
N ALA A 39 9.73 -15.84 4.24
CA ALA A 39 9.20 -15.65 2.89
C ALA A 39 10.39 -15.34 1.99
N LEU A 40 10.51 -16.13 0.93
CA LEU A 40 11.60 -15.96 -0.05
C LEU A 40 10.95 -15.47 -1.34
N LYS A 41 11.39 -14.33 -1.88
CA LYS A 41 10.87 -13.80 -3.16
C LYS A 41 11.99 -13.84 -4.20
N LYS A 42 11.73 -14.53 -5.31
CA LYS A 42 12.61 -14.52 -6.52
C LYS A 42 12.23 -13.30 -7.37
N ILE A 43 13.21 -12.51 -7.77
CA ILE A 43 13.05 -11.32 -8.66
C ILE A 43 13.76 -11.69 -9.97
N ARG A 44 13.07 -11.70 -11.12
CA ARG A 44 13.68 -12.17 -12.40
C ARG A 44 14.04 -10.97 -13.30
N LEU A 45 15.06 -11.15 -14.13
CA LEU A 45 15.81 -10.08 -14.85
C LEU A 45 15.88 -10.40 -16.35
N PRO A 53 21.23 -6.01 -12.18
CA PRO A 53 21.36 -4.53 -12.16
C PRO A 53 21.79 -4.01 -10.78
N SER A 54 23.02 -3.47 -10.70
CA SER A 54 23.78 -3.21 -9.44
C SER A 54 23.19 -2.07 -8.62
N THR A 55 22.60 -1.05 -9.27
CA THR A 55 22.05 0.13 -8.54
C THR A 55 20.90 -0.36 -7.66
N ALA A 56 20.06 -1.26 -8.21
CA ALA A 56 18.92 -1.90 -7.51
C ALA A 56 19.46 -2.68 -6.31
N ILE A 57 20.51 -3.48 -6.52
CA ILE A 57 21.19 -4.23 -5.42
C ILE A 57 21.56 -3.26 -4.29
N ARG A 58 22.25 -2.15 -4.58
CA ARG A 58 22.74 -1.22 -3.52
C ARG A 58 21.55 -0.68 -2.72
N GLU A 59 20.55 -0.17 -3.42
CA GLU A 59 19.38 0.51 -2.83
C GLU A 59 18.56 -0.48 -1.98
N ILE A 60 18.34 -1.68 -2.49
CA ILE A 60 17.53 -2.70 -1.77
C ILE A 60 18.32 -3.15 -0.54
N SER A 61 19.64 -3.26 -0.63
CA SER A 61 20.47 -3.67 0.53
C SER A 61 20.33 -2.65 1.66
N LEU A 62 20.13 -1.37 1.33
CA LEU A 62 20.03 -0.26 2.34
C LEU A 62 18.74 -0.46 3.16
N LEU A 63 17.75 -1.14 2.59
CA LEU A 63 16.45 -1.38 3.27
C LEU A 63 16.63 -2.41 4.38
N LYS A 64 17.73 -3.16 4.44
CA LYS A 64 17.94 -4.10 5.57
C LYS A 64 18.05 -3.33 6.89
N GLU A 65 18.37 -2.04 6.85
CA GLU A 65 18.51 -1.18 8.06
C GLU A 65 17.17 -0.52 8.44
N LEU A 66 16.19 -0.54 7.54
CA LEU A 66 14.91 0.21 7.67
C LEU A 66 13.97 -0.68 8.49
N ASN A 67 14.26 -0.79 9.79
CA ASN A 67 13.56 -1.72 10.71
C ASN A 67 12.53 -1.01 11.58
N HIS A 68 11.33 -1.58 11.63
CA HIS A 68 10.21 -1.04 12.44
C HIS A 68 9.21 -2.15 12.62
N PRO A 69 8.50 -2.17 13.76
CA PRO A 69 7.59 -3.25 14.06
C PRO A 69 6.40 -3.34 13.10
N ASN A 70 6.13 -2.28 12.33
CA ASN A 70 5.02 -2.30 11.34
C ASN A 70 5.62 -2.30 9.94
N ILE A 71 6.87 -2.72 9.81
CA ILE A 71 7.51 -2.99 8.50
C ILE A 71 7.97 -4.44 8.46
N VAL A 72 7.59 -5.17 7.42
CA VAL A 72 7.98 -6.59 7.27
C VAL A 72 9.50 -6.57 7.17
N LYS A 73 10.16 -7.31 8.05
CA LYS A 73 11.62 -7.30 8.16
C LYS A 73 12.24 -7.90 6.90
N LEU A 74 13.15 -7.15 6.28
CA LEU A 74 13.99 -7.66 5.16
C LEU A 74 15.25 -8.29 5.77
N LEU A 75 15.34 -9.61 5.72
CA LEU A 75 16.40 -10.38 6.41
C LEU A 75 17.64 -10.41 5.51
N ASP A 76 17.50 -10.70 4.22
CA ASP A 76 18.67 -10.78 3.31
C ASP A 76 18.31 -10.43 1.88
N VAL A 77 19.33 -9.98 1.15
CA VAL A 77 19.28 -9.64 -0.29
C VAL A 77 20.36 -10.49 -0.97
N ILE A 78 19.99 -11.43 -1.84
CA ILE A 78 20.98 -12.40 -2.38
C ILE A 78 21.01 -12.37 -3.91
N HIS A 79 22.16 -11.98 -4.47
CA HIS A 79 22.40 -11.98 -5.93
C HIS A 79 23.30 -13.18 -6.25
N THR A 80 22.80 -14.13 -7.05
CA THR A 80 23.46 -15.43 -7.32
C THR A 80 22.89 -15.96 -8.64
N GLU A 81 23.74 -16.53 -9.50
CA GLU A 81 23.34 -17.15 -10.79
C GLU A 81 22.48 -16.13 -11.56
N ASN A 82 22.84 -14.85 -11.49
CA ASN A 82 22.16 -13.73 -12.20
C ASN A 82 20.67 -13.66 -11.81
N LYS A 83 20.31 -14.11 -10.60
CA LYS A 83 18.95 -13.96 -10.01
C LYS A 83 19.06 -13.28 -8.63
N LEU A 84 18.04 -12.49 -8.28
CA LEU A 84 17.93 -11.80 -6.98
C LEU A 84 16.85 -12.49 -6.15
N TYR A 85 17.17 -12.83 -4.89
CA TYR A 85 16.23 -13.39 -3.89
C TYR A 85 16.17 -12.47 -2.68
N LEU A 86 14.97 -12.06 -2.30
CA LEU A 86 14.75 -11.26 -1.08
C LEU A 86 14.21 -12.20 -0.02
N VAL A 87 14.84 -12.19 1.14
CA VAL A 87 14.40 -13.00 2.30
C VAL A 87 13.73 -12.05 3.30
N PHE A 88 12.48 -12.35 3.64
CA PHE A 88 11.62 -11.55 4.54
C PHE A 88 11.15 -12.39 5.72
N GLU A 89 10.89 -11.72 6.82
CA GLU A 89 9.97 -12.19 7.88
C GLU A 89 8.73 -12.83 7.27
N PHE A 90 8.34 -14.00 7.76
CA PHE A 90 7.09 -14.69 7.37
C PHE A 90 5.93 -14.21 8.26
N LEU A 91 4.80 -13.79 7.65
CA LEU A 91 3.51 -13.60 8.34
C LEU A 91 2.46 -14.48 7.67
N HIS A 92 1.49 -14.94 8.45
CA HIS A 92 0.60 -16.03 8.02
C HIS A 92 -0.53 -15.54 7.12
N GLN A 93 -0.79 -14.25 6.99
CA GLN A 93 -2.06 -13.80 6.35
C GLN A 93 -1.85 -12.39 5.81
N ASP A 94 -2.49 -12.07 4.68
CA ASP A 94 -2.49 -10.68 4.16
C ASP A 94 -3.90 -10.09 4.32
N LEU A 95 -3.99 -8.77 4.27
CA LEU A 95 -5.24 -8.02 4.55
C LEU A 95 -6.28 -8.31 3.47
N LYS A 96 -5.84 -8.58 2.24
CA LYS A 96 -6.80 -8.97 1.15
C LYS A 96 -7.56 -10.22 1.60
N LYS A 97 -6.84 -11.29 1.91
CA LYS A 97 -7.48 -12.56 2.35
C LYS A 97 -8.36 -12.30 3.57
N PHE A 98 -7.92 -11.47 4.53
CA PHE A 98 -8.61 -11.22 5.80
C PHE A 98 -9.91 -10.45 5.51
N MET A 99 -9.85 -9.49 4.61
CA MET A 99 -11.09 -8.74 4.27
C MET A 99 -12.06 -9.69 3.57
N ASP A 100 -11.59 -10.51 2.65
CA ASP A 100 -12.42 -11.51 1.91
C ASP A 100 -13.05 -12.47 2.93
N ALA A 101 -12.28 -12.96 3.91
CA ALA A 101 -12.76 -13.83 5.01
C ALA A 101 -13.76 -13.10 5.90
N SER A 102 -13.74 -11.77 5.92
CA SER A 102 -14.55 -10.91 6.84
C SER A 102 -15.73 -10.29 6.09
N ALA A 103 -16.06 -10.77 4.89
CA ALA A 103 -17.01 -10.10 3.97
C ALA A 103 -18.45 -10.08 4.54
N LEU A 104 -18.88 -11.12 5.26
CA LEU A 104 -20.31 -11.22 5.70
C LEU A 104 -20.54 -10.26 6.85
N THR A 105 -19.51 -10.01 7.67
CA THR A 105 -19.63 -9.30 8.97
C THR A 105 -18.95 -7.92 8.93
N GLY A 106 -17.93 -7.76 8.08
CA GLY A 106 -17.05 -6.59 8.16
C GLY A 106 -15.98 -6.78 9.20
N ILE A 107 -14.86 -6.08 9.07
CA ILE A 107 -13.86 -5.97 10.15
C ILE A 107 -14.43 -5.04 11.20
N PRO A 108 -14.42 -5.40 12.50
CA PRO A 108 -14.92 -4.51 13.53
C PRO A 108 -14.20 -3.16 13.52
N LEU A 109 -14.91 -2.07 13.76
CA LEU A 109 -14.33 -0.71 13.68
C LEU A 109 -13.05 -0.61 14.52
N PRO A 110 -13.03 -1.13 15.77
CA PRO A 110 -11.83 -0.99 16.59
C PRO A 110 -10.58 -1.63 15.95
N LEU A 111 -10.76 -2.73 15.23
CA LEU A 111 -9.66 -3.43 14.56
C LEU A 111 -9.28 -2.62 13.31
N ILE A 112 -10.26 -2.05 12.60
CA ILE A 112 -9.93 -1.17 11.43
C ILE A 112 -9.06 -0.02 11.94
N LYS A 113 -9.44 0.57 13.07
CA LYS A 113 -8.77 1.76 13.65
C LYS A 113 -7.36 1.36 14.07
N SER A 114 -7.22 0.22 14.74
CA SER A 114 -5.89 -0.30 15.16
C SER A 114 -5.01 -0.49 13.91
N TYR A 115 -5.53 -1.13 12.86
CA TYR A 115 -4.70 -1.42 11.67
C TYR A 115 -4.30 -0.10 11.00
N LEU A 116 -5.22 0.85 10.86
CA LEU A 116 -4.89 2.12 10.18
C LEU A 116 -3.79 2.86 10.97
N PHE A 117 -3.94 2.88 12.27
CA PHE A 117 -2.99 3.50 13.21
C PHE A 117 -1.61 2.86 13.06
N GLN A 118 -1.54 1.54 13.05
CA GLN A 118 -0.22 0.85 12.91
C GLN A 118 0.39 1.15 11.53
N LEU A 119 -0.43 1.15 10.48
CA LEU A 119 0.03 1.38 9.10
C LEU A 119 0.59 2.80 8.99
N LEU A 120 -0.05 3.78 9.63
CA LEU A 120 0.45 5.16 9.66
C LEU A 120 1.76 5.24 10.43
N GLN A 121 1.90 4.48 11.50
CA GLN A 121 3.21 4.48 12.23
C GLN A 121 4.29 3.93 11.29
N GLY A 122 4.00 2.87 10.54
CA GLY A 122 4.96 2.27 9.59
C GLY A 122 5.32 3.30 8.53
N LEU A 123 4.32 3.99 7.96
CA LEU A 123 4.54 5.03 6.94
C LEU A 123 5.32 6.20 7.53
N ALA A 124 4.95 6.68 8.71
CA ALA A 124 5.68 7.79 9.37
C ALA A 124 7.17 7.43 9.49
N PHE A 125 7.46 6.19 9.89
CA PHE A 125 8.87 5.75 10.06
C PHE A 125 9.61 5.81 8.71
N CYS A 126 9.07 5.18 7.67
CA CYS A 126 9.77 5.10 6.37
C CYS A 126 9.92 6.50 5.80
N HIS A 127 8.84 7.26 5.79
CA HIS A 127 8.80 8.61 5.22
C HIS A 127 9.85 9.50 5.92
N SER A 128 10.00 9.35 7.24
CA SER A 128 11.03 10.09 8.02
C SER A 128 12.42 9.74 7.51
N HIS A 129 12.61 8.57 6.90
CA HIS A 129 13.93 8.15 6.36
C HIS A 129 13.93 8.40 4.84
N ARG A 130 12.95 9.14 4.33
CA ARG A 130 12.80 9.48 2.90
C ARG A 130 12.70 8.19 2.08
N VAL A 131 11.99 7.17 2.56
CA VAL A 131 11.74 5.94 1.76
C VAL A 131 10.24 5.95 1.51
N LEU A 132 9.81 5.73 0.27
CA LEU A 132 8.38 5.55 0.06
C LEU A 132 8.11 4.16 -0.48
N HIS A 133 6.85 3.77 -0.44
CA HIS A 133 6.41 2.46 -0.96
C HIS A 133 6.07 2.54 -2.45
N ARG A 134 5.09 3.38 -2.77
CA ARG A 134 4.56 3.72 -4.11
C ARG A 134 3.59 2.66 -4.59
N ASP A 135 3.51 1.49 -3.97
CA ASP A 135 2.57 0.45 -4.46
C ASP A 135 1.85 -0.25 -3.32
N LEU A 136 1.34 0.51 -2.36
CA LEU A 136 0.55 -0.07 -1.24
C LEU A 136 -0.75 -0.69 -1.78
N LYS A 137 -1.07 -1.88 -1.28
CA LYS A 137 -2.33 -2.56 -1.62
C LYS A 137 -2.59 -3.57 -0.52
N PRO A 138 -3.82 -4.04 -0.38
CA PRO A 138 -4.11 -4.99 0.70
C PRO A 138 -3.21 -6.23 0.68
N GLN A 139 -2.80 -6.68 -0.51
CA GLN A 139 -1.97 -7.91 -0.68
C GLN A 139 -0.58 -7.69 -0.06
N ASN A 140 -0.10 -6.46 0.10
CA ASN A 140 1.23 -6.29 0.72
C ASN A 140 1.09 -5.74 2.14
N LEU A 141 -0.06 -5.87 2.76
CA LEU A 141 -0.25 -5.59 4.21
C LEU A 141 -0.47 -6.94 4.91
N LEU A 142 0.46 -7.31 5.76
CA LEU A 142 0.46 -8.67 6.35
C LEU A 142 0.12 -8.58 7.85
N ILE A 143 -0.61 -9.56 8.36
CA ILE A 143 -1.11 -9.51 9.75
C ILE A 143 -0.70 -10.77 10.48
N ASN A 144 -0.60 -10.66 11.81
CA ASN A 144 -0.28 -11.84 12.65
C ASN A 144 -1.40 -12.03 13.67
N THR A 145 -1.27 -13.07 14.51
CA THR A 145 -2.33 -13.49 15.46
C THR A 145 -2.36 -12.50 16.64
N GLU A 146 -1.32 -11.69 16.80
CA GLU A 146 -1.17 -10.81 17.99
C GLU A 146 -1.74 -9.42 17.72
N GLY A 147 -2.49 -9.23 16.64
CA GLY A 147 -3.13 -7.95 16.28
C GLY A 147 -2.21 -6.96 15.58
N ALA A 148 -1.04 -7.38 15.12
CA ALA A 148 -0.12 -6.49 14.37
C ALA A 148 -0.44 -6.54 12.87
N ILE A 149 -0.16 -5.43 12.19
CA ILE A 149 -0.23 -5.34 10.71
C ILE A 149 1.08 -4.68 10.30
N LYS A 150 1.63 -5.13 9.17
CA LYS A 150 2.96 -4.70 8.71
C LYS A 150 2.93 -4.50 7.21
N LEU A 151 3.66 -3.50 6.75
CA LEU A 151 3.82 -3.15 5.32
C LEU A 151 4.95 -3.98 4.74
N ALA A 152 4.66 -4.76 3.68
CA ALA A 152 5.64 -5.57 2.90
C ALA A 152 6.03 -4.82 1.61
N ASP A 153 7.24 -5.04 1.09
CA ASP A 153 7.75 -4.56 -0.24
C ASP A 153 8.07 -3.05 -0.24
N PHE A 154 8.34 -2.45 0.91
CA PHE A 154 8.75 -1.04 0.97
C PHE A 154 10.00 -0.87 0.14
N GLY A 155 10.05 0.25 -0.60
CA GLY A 155 11.24 0.69 -1.35
C GLY A 155 11.55 -0.17 -2.56
N LEU A 156 10.84 -1.26 -2.83
CA LEU A 156 11.11 -2.10 -4.03
C LEU A 156 10.74 -1.35 -5.32
N ALA A 157 9.67 -0.56 -5.31
CA ALA A 157 9.18 0.09 -6.54
C ALA A 157 10.25 1.09 -7.06
N ARG A 158 10.91 1.83 -6.18
CA ARG A 158 12.05 2.69 -6.62
C ARG A 158 13.06 1.80 -7.36
N ALA A 159 13.44 0.67 -6.77
CA ALA A 159 14.41 -0.28 -7.34
C ALA A 159 13.98 -0.73 -8.75
N PHE A 160 12.85 -1.44 -8.90
CA PHE A 160 12.47 -2.18 -10.14
C PHE A 160 11.34 -1.52 -10.95
N GLY A 161 10.85 -0.34 -10.55
CA GLY A 161 9.61 0.23 -11.12
C GLY A 161 8.39 -0.61 -10.79
N VAL A 162 7.22 -0.24 -11.34
CA VAL A 162 5.91 -0.93 -11.18
C VAL A 162 5.42 -1.27 -12.58
N PRO A 163 5.38 -2.56 -12.98
CA PRO A 163 5.05 -2.90 -14.37
C PRO A 163 3.53 -2.96 -14.54
N VAL A 164 3.05 -2.85 -15.79
CA VAL A 164 1.61 -3.02 -16.10
C VAL A 164 1.19 -4.45 -15.72
N ARG A 165 2.08 -5.43 -15.95
CA ARG A 165 1.82 -6.88 -15.73
C ARG A 165 2.94 -7.52 -14.89
N THR A 166 2.56 -8.52 -14.09
CA THR A 166 3.52 -9.34 -13.30
C THR A 166 4.27 -10.27 -14.26
N TYR A 167 5.24 -11.02 -13.72
CA TYR A 167 6.04 -12.04 -14.44
C TYR A 167 5.12 -13.14 -15.00
N THR A 168 3.93 -13.35 -14.42
CA THR A 168 2.92 -14.35 -14.90
C THR A 168 1.82 -13.65 -15.72
N HIS A 169 2.05 -12.37 -16.05
CA HIS A 169 1.21 -11.49 -16.90
C HIS A 169 -0.09 -11.08 -16.17
N GLU A 170 -0.22 -11.37 -14.88
CA GLU A 170 -1.38 -10.86 -14.09
C GLU A 170 -1.32 -9.34 -14.06
N VAL A 171 -2.48 -8.70 -14.07
CA VAL A 171 -2.57 -7.21 -14.16
C VAL A 171 -2.22 -6.64 -12.78
N VAL A 172 -1.29 -5.71 -12.74
CA VAL A 172 -0.96 -4.97 -11.49
C VAL A 172 -2.09 -3.96 -11.20
N THR A 173 -2.61 -3.94 -9.99
CA THR A 173 -3.83 -3.19 -9.67
C THR A 173 -3.52 -1.69 -9.68
N LEU A 174 -4.42 -0.91 -10.27
CA LEU A 174 -4.39 0.57 -10.27
C LEU A 174 -5.23 1.16 -9.14
N TRP A 175 -5.93 0.36 -8.34
CA TRP A 175 -7.08 0.79 -7.51
C TRP A 175 -6.60 1.77 -6.42
N TYR A 176 -5.33 1.64 -6.07
CA TYR A 176 -4.73 2.37 -4.92
C TYR A 176 -3.79 3.47 -5.43
N ARG A 177 -3.72 3.70 -6.73
CA ARG A 177 -2.76 4.64 -7.32
C ARG A 177 -3.21 6.10 -7.15
N ALA A 178 -2.32 6.94 -6.62
CA ALA A 178 -2.59 8.38 -6.44
C ALA A 178 -2.80 9.10 -7.78
N PRO A 179 -3.65 10.15 -7.79
CA PRO A 179 -3.98 10.84 -9.03
C PRO A 179 -2.75 11.49 -9.71
N GLU A 180 -1.76 11.95 -8.93
CA GLU A 180 -0.54 12.58 -9.48
C GLU A 180 0.18 11.54 -10.36
N ILE A 181 0.18 10.26 -9.98
CA ILE A 181 0.86 9.21 -10.75
C ILE A 181 0.06 9.01 -12.03
N LEU A 182 -1.25 8.88 -11.90
CA LEU A 182 -2.14 8.64 -13.06
C LEU A 182 -2.08 9.81 -14.05
N LEU A 183 -1.84 11.04 -13.59
CA LEU A 183 -1.78 12.23 -14.47
C LEU A 183 -0.34 12.46 -14.98
N GLY A 184 0.60 11.55 -14.69
CA GLY A 184 1.92 11.48 -15.37
C GLY A 184 2.96 12.32 -14.67
N CYS A 185 2.77 12.69 -13.40
CA CYS A 185 3.75 13.46 -12.61
CA CYS A 185 3.76 13.45 -12.62
C CYS A 185 5.03 12.60 -12.52
N LYS A 186 6.18 13.22 -12.73
CA LYS A 186 7.49 12.53 -12.81
C LYS A 186 8.04 12.24 -11.40
N TYR A 187 7.78 13.13 -10.45
CA TYR A 187 8.38 13.09 -9.09
C TYR A 187 7.30 12.59 -8.11
N TYR A 188 7.56 11.46 -7.44
N TYR A 188 7.60 11.49 -7.39
CA TYR A 188 6.71 10.95 -6.34
CA TYR A 188 6.75 10.90 -6.34
C TYR A 188 7.09 11.67 -5.06
C TYR A 188 7.11 11.46 -4.97
N SER A 189 6.11 11.89 -4.19
CA SER A 189 6.28 12.33 -2.80
C SER A 189 5.65 11.28 -1.90
N THR A 190 5.92 11.37 -0.62
CA THR A 190 5.34 10.45 0.40
C THR A 190 3.80 10.49 0.34
N ALA A 191 3.20 11.57 -0.16
CA ALA A 191 1.74 11.72 -0.29
C ALA A 191 1.15 10.57 -1.11
N VAL A 192 1.92 9.94 -2.00
CA VAL A 192 1.32 8.82 -2.81
C VAL A 192 0.87 7.69 -1.86
N ASP A 193 1.62 7.44 -0.78
CA ASP A 193 1.37 6.32 0.17
C ASP A 193 0.15 6.64 1.03
N ILE A 194 -0.03 7.93 1.37
CA ILE A 194 -1.17 8.38 2.17
C ILE A 194 -2.44 8.17 1.36
N TRP A 195 -2.41 8.51 0.06
CA TRP A 195 -3.53 8.27 -0.89
C TRP A 195 -3.88 6.77 -0.88
N SER A 196 -2.90 5.92 -1.11
CA SER A 196 -3.13 4.46 -1.16
C SER A 196 -3.78 4.02 0.16
N LEU A 197 -3.22 4.42 1.30
CA LEU A 197 -3.74 3.94 2.59
C LEU A 197 -5.17 4.48 2.82
N GLY A 198 -5.48 5.70 2.39
CA GLY A 198 -6.85 6.21 2.44
C GLY A 198 -7.80 5.31 1.67
N CYS A 199 -7.42 4.88 0.49
CA CYS A 199 -8.24 3.95 -0.33
C CYS A 199 -8.49 2.63 0.42
N ILE A 200 -7.45 2.11 1.06
CA ILE A 200 -7.52 0.84 1.85
C ILE A 200 -8.42 1.03 3.06
N PHE A 201 -8.32 2.17 3.76
CA PHE A 201 -9.17 2.49 4.93
C PHE A 201 -10.65 2.40 4.52
N ALA A 202 -11.02 3.15 3.48
CA ALA A 202 -12.39 3.18 2.92
C ALA A 202 -12.82 1.74 2.58
N GLU A 203 -11.93 0.91 2.05
CA GLU A 203 -12.29 -0.50 1.65
C GLU A 203 -12.53 -1.37 2.90
N MET A 204 -11.75 -1.18 3.96
CA MET A 204 -11.98 -1.89 5.25
C MET A 204 -13.38 -1.54 5.81
N VAL A 205 -13.77 -0.27 5.70
CA VAL A 205 -15.02 0.25 6.29
C VAL A 205 -16.22 -0.24 5.48
N THR A 206 -16.15 -0.20 4.16
CA THR A 206 -17.34 -0.38 3.30
C THR A 206 -17.40 -1.81 2.78
N ARG A 207 -16.29 -2.56 2.87
CA ARG A 207 -16.09 -3.93 2.38
C ARG A 207 -16.18 -3.96 0.85
N ARG A 208 -15.92 -2.83 0.20
CA ARG A 208 -15.90 -2.72 -1.28
C ARG A 208 -14.72 -1.81 -1.64
N ALA A 209 -14.00 -2.10 -2.72
CA ALA A 209 -12.90 -1.20 -3.13
C ALA A 209 -13.48 0.17 -3.43
N LEU A 210 -12.73 1.20 -3.11
CA LEU A 210 -13.22 2.58 -3.26
C LEU A 210 -13.24 2.97 -4.74
N PHE A 211 -12.15 2.70 -5.47
CA PHE A 211 -11.91 3.09 -6.88
C PHE A 211 -11.38 1.91 -7.67
N PRO A 212 -12.23 0.91 -7.98
CA PRO A 212 -11.77 -0.28 -8.69
C PRO A 212 -11.65 -0.10 -10.21
N GLY A 213 -10.76 0.78 -10.64
CA GLY A 213 -10.47 1.03 -12.07
C GLY A 213 -9.91 -0.21 -12.77
N ASP A 214 -10.26 -0.41 -14.03
CA ASP A 214 -9.71 -1.50 -14.83
C ASP A 214 -8.88 -0.99 -16.01
N SER A 215 -8.54 0.31 -16.04
CA SER A 215 -7.66 0.99 -17.01
C SER A 215 -7.23 2.30 -16.37
N GLU A 216 -6.22 2.95 -16.92
CA GLU A 216 -5.76 4.22 -16.29
C GLU A 216 -6.88 5.24 -16.36
N ILE A 217 -7.61 5.33 -17.47
CA ILE A 217 -8.68 6.35 -17.58
C ILE A 217 -9.89 5.97 -16.73
N ASP A 218 -10.25 4.70 -16.67
CA ASP A 218 -11.33 4.25 -15.78
C ASP A 218 -10.91 4.57 -14.33
N GLN A 219 -9.67 4.34 -13.96
CA GLN A 219 -9.22 4.67 -12.58
C GLN A 219 -9.39 6.18 -12.31
N LEU A 220 -8.88 7.03 -13.19
CA LEU A 220 -9.03 8.49 -13.04
C LEU A 220 -10.50 8.90 -12.99
N PHE A 221 -11.32 8.38 -13.92
CA PHE A 221 -12.73 8.83 -14.00
C PHE A 221 -13.48 8.31 -12.76
N ARG A 222 -13.08 7.18 -12.14
CA ARG A 222 -13.79 6.75 -10.91
C ARG A 222 -13.43 7.70 -9.78
N ILE A 223 -12.17 8.10 -9.72
CA ILE A 223 -11.73 9.13 -8.73
C ILE A 223 -12.51 10.43 -8.99
N PHE A 224 -12.58 10.89 -10.23
CA PHE A 224 -13.25 12.18 -10.57
C PHE A 224 -14.71 12.13 -10.11
N ARG A 225 -15.40 11.03 -10.39
CA ARG A 225 -16.87 10.89 -10.15
C ARG A 225 -17.17 10.93 -8.67
N THR A 226 -16.21 10.52 -7.84
CA THR A 226 -16.38 10.57 -6.38
C THR A 226 -15.91 11.91 -5.81
N LEU A 227 -14.70 12.35 -6.12
CA LEU A 227 -14.10 13.52 -5.41
C LEU A 227 -14.31 14.82 -6.19
N GLY A 228 -14.90 14.74 -7.38
CA GLY A 228 -15.06 15.83 -8.35
C GLY A 228 -13.87 15.88 -9.31
N THR A 229 -14.08 16.36 -10.53
CA THR A 229 -12.98 16.55 -11.48
C THR A 229 -12.08 17.62 -10.89
N PRO A 230 -10.75 17.37 -10.71
CA PRO A 230 -9.87 18.37 -10.11
C PRO A 230 -9.69 19.58 -11.05
N ASP A 231 -9.42 20.72 -10.45
CA ASP A 231 -9.25 21.98 -11.20
C ASP A 231 -8.22 22.81 -10.49
N GLU A 232 -7.94 23.99 -11.04
CA GLU A 232 -6.86 24.87 -10.51
C GLU A 232 -7.20 25.35 -9.09
N VAL A 233 -8.48 25.32 -8.74
CA VAL A 233 -8.98 25.75 -7.39
C VAL A 233 -8.42 24.80 -6.34
N VAL A 234 -8.69 23.51 -6.49
CA VAL A 234 -8.33 22.51 -5.45
C VAL A 234 -6.90 22.01 -5.70
N TRP A 235 -6.38 22.11 -6.92
CA TRP A 235 -5.04 21.56 -7.24
C TRP A 235 -4.30 22.49 -8.20
N PRO A 236 -3.61 23.53 -7.69
CA PRO A 236 -2.80 24.42 -8.52
C PRO A 236 -1.82 23.62 -9.38
N GLY A 237 -1.85 23.87 -10.69
CA GLY A 237 -0.89 23.30 -11.63
C GLY A 237 -1.45 22.05 -12.28
N VAL A 238 -2.61 21.55 -11.82
CA VAL A 238 -3.10 20.25 -12.32
C VAL A 238 -3.35 20.34 -13.83
N THR A 239 -3.83 21.47 -14.34
CA THR A 239 -4.17 21.58 -15.79
C THR A 239 -2.89 21.60 -16.67
N SER A 240 -1.70 21.59 -16.05
CA SER A 240 -0.38 21.54 -16.75
C SER A 240 0.28 20.16 -16.66
N MET A 241 -0.39 19.15 -16.11
CA MET A 241 0.22 17.81 -15.86
CA MET A 241 0.30 17.85 -15.87
C MET A 241 0.35 17.09 -17.19
N PRO A 242 1.33 16.16 -17.36
CA PRO A 242 1.56 15.51 -18.64
C PRO A 242 0.27 14.96 -19.28
N ASP A 243 -0.60 14.32 -18.50
CA ASP A 243 -1.74 13.55 -19.05
C ASP A 243 -3.09 14.20 -18.75
N TYR A 244 -3.11 15.45 -18.29
CA TYR A 244 -4.35 16.19 -18.07
C TYR A 244 -4.92 16.61 -19.43
N LYS A 245 -6.24 16.44 -19.65
CA LYS A 245 -6.95 16.89 -20.87
C LYS A 245 -8.04 17.84 -20.47
N PRO A 246 -8.06 19.06 -21.08
CA PRO A 246 -9.17 19.98 -20.92
C PRO A 246 -10.52 19.33 -21.21
N SER A 247 -10.50 18.23 -21.97
CA SER A 247 -11.73 17.52 -22.42
C SER A 247 -12.22 16.54 -21.33
N PHE A 248 -11.51 16.40 -20.20
CA PHE A 248 -12.03 15.55 -19.10
C PHE A 248 -13.44 16.00 -18.74
N PRO A 249 -14.38 15.05 -18.59
CA PRO A 249 -15.70 15.38 -18.09
C PRO A 249 -15.58 16.08 -16.72
N LYS A 250 -16.52 16.97 -16.43
CA LYS A 250 -16.55 17.80 -15.19
C LYS A 250 -17.62 17.22 -14.27
N TRP A 251 -17.21 16.33 -13.36
CA TRP A 251 -18.07 15.75 -12.32
C TRP A 251 -17.97 16.59 -11.05
N ALA A 252 -19.08 16.68 -10.33
CA ALA A 252 -19.18 17.33 -9.01
C ALA A 252 -18.73 16.34 -7.92
N ARG A 253 -18.28 16.86 -6.79
CA ARG A 253 -17.80 16.09 -5.63
C ARG A 253 -19.00 15.47 -4.89
N GLN A 254 -18.86 14.22 -4.43
CA GLN A 254 -19.87 13.55 -3.57
C GLN A 254 -19.52 13.82 -2.10
N ASP A 255 -20.52 13.87 -1.21
CA ASP A 255 -20.27 13.95 0.25
C ASP A 255 -19.70 12.61 0.70
N PHE A 256 -18.70 12.61 1.57
CA PHE A 256 -18.09 11.38 2.15
C PHE A 256 -19.14 10.58 2.92
N SER A 257 -20.20 11.26 3.42
CA SER A 257 -21.28 10.57 4.15
C SER A 257 -21.88 9.51 3.23
N LYS A 258 -21.90 9.77 1.93
CA LYS A 258 -22.45 8.77 0.96
C LYS A 258 -21.39 7.74 0.56
N VAL A 259 -20.12 8.09 0.63
CA VAL A 259 -19.02 7.26 0.05
C VAL A 259 -18.57 6.21 1.05
N VAL A 260 -18.54 6.54 2.36
CA VAL A 260 -18.05 5.59 3.39
C VAL A 260 -18.98 5.51 4.60
N PRO A 261 -20.31 5.30 4.41
CA PRO A 261 -21.17 4.99 5.56
C PRO A 261 -20.72 3.62 6.07
N PRO A 262 -20.71 3.35 7.40
CA PRO A 262 -21.22 4.23 8.44
C PRO A 262 -20.07 4.83 9.26
N LEU A 263 -18.98 5.22 8.59
CA LEU A 263 -17.83 5.88 9.25
C LEU A 263 -18.31 7.18 9.91
N ASP A 264 -17.84 7.42 11.13
CA ASP A 264 -18.22 8.59 11.93
C ASP A 264 -17.55 9.83 11.36
N GLU A 265 -17.85 10.99 11.94
CA GLU A 265 -17.34 12.31 11.48
CA GLU A 265 -17.34 12.29 11.39
C GLU A 265 -15.82 12.38 11.58
N ASP A 266 -15.26 11.83 12.64
CA ASP A 266 -13.79 11.82 12.80
C ASP A 266 -13.14 11.04 11.64
N GLY A 267 -13.59 9.80 11.40
CA GLY A 267 -13.02 8.97 10.32
C GLY A 267 -13.23 9.63 8.96
N ARG A 268 -14.38 10.23 8.69
CA ARG A 268 -14.65 10.85 7.35
C ARG A 268 -13.75 12.07 7.20
N SER A 269 -13.51 12.78 8.28
CA SER A 269 -12.62 13.98 8.29
C SER A 269 -11.20 13.52 7.94
N LEU A 270 -10.72 12.49 8.61
CA LEU A 270 -9.35 11.96 8.35
C LEU A 270 -9.28 11.48 6.90
N LEU A 271 -10.24 10.69 6.45
CA LEU A 271 -10.20 10.09 5.10
C LEU A 271 -10.16 11.25 4.09
N SER A 272 -10.97 12.28 4.29
CA SER A 272 -10.98 13.43 3.37
CA SER A 272 -10.99 13.44 3.39
C SER A 272 -9.57 14.03 3.27
N GLN A 273 -8.83 14.13 4.37
CA GLN A 273 -7.49 14.75 4.34
C GLN A 273 -6.48 13.81 3.66
N MET A 274 -6.71 12.50 3.74
CA MET A 274 -5.85 11.50 3.09
C MET A 274 -6.09 11.47 1.59
N LEU A 275 -7.22 11.99 1.13
CA LEU A 275 -7.59 11.88 -0.30
C LEU A 275 -7.65 13.28 -0.93
N HIS A 276 -7.01 14.29 -0.34
CA HIS A 276 -6.90 15.61 -1.02
C HIS A 276 -6.22 15.40 -2.38
N TYR A 277 -6.73 16.01 -3.44
CA TYR A 277 -6.03 15.94 -4.76
C TYR A 277 -4.60 16.46 -4.69
N ASP A 278 -4.40 17.65 -4.12
CA ASP A 278 -3.08 18.29 -4.08
C ASP A 278 -2.19 17.52 -3.12
N PRO A 279 -1.13 16.85 -3.59
CA PRO A 279 -0.26 16.10 -2.69
C PRO A 279 0.26 16.94 -1.52
N ASN A 280 0.48 18.23 -1.76
N ASN A 280 0.46 18.24 -1.75
CA ASN A 280 0.92 19.20 -0.72
CA ASN A 280 0.98 19.18 -0.74
C ASN A 280 -0.10 19.30 0.39
C ASN A 280 -0.09 19.46 0.33
N LYS A 281 -1.40 19.30 0.05
CA LYS A 281 -2.50 19.49 1.04
C LYS A 281 -2.75 18.16 1.75
N ARG A 282 -2.36 17.03 1.18
CA ARG A 282 -2.70 15.69 1.74
C ARG A 282 -2.03 15.59 3.11
N ILE A 283 -2.73 15.03 4.10
CA ILE A 283 -2.21 14.87 5.49
C ILE A 283 -0.96 13.99 5.44
N SER A 284 0.02 14.28 6.27
CA SER A 284 1.19 13.40 6.47
C SER A 284 0.78 12.23 7.39
N ALA A 285 1.56 11.18 7.38
CA ALA A 285 1.48 10.04 8.32
C ALA A 285 1.58 10.57 9.77
N LYS A 286 2.57 11.40 10.03
CA LYS A 286 2.84 11.92 11.40
C LYS A 286 1.62 12.72 11.90
N ALA A 287 1.07 13.64 11.11
CA ALA A 287 -0.08 14.47 11.51
C ALA A 287 -1.33 13.59 11.60
N ALA A 288 -1.46 12.59 10.74
CA ALA A 288 -2.61 11.67 10.80
C ALA A 288 -2.59 10.93 12.16
N LEU A 289 -1.42 10.64 12.73
CA LEU A 289 -1.39 9.88 14.00
C LEU A 289 -1.99 10.72 15.13
N ALA A 290 -1.96 12.04 15.00
CA ALA A 290 -2.46 13.00 16.02
C ALA A 290 -3.95 13.31 15.77
N HIS A 291 -4.58 12.77 14.72
CA HIS A 291 -5.98 13.09 14.38
C HIS A 291 -6.92 12.59 15.48
N PRO A 292 -7.98 13.33 15.84
CA PRO A 292 -8.93 12.88 16.86
C PRO A 292 -9.60 11.50 16.64
N PHE A 293 -9.67 11.00 15.40
CA PHE A 293 -10.09 9.61 15.09
C PHE A 293 -9.36 8.59 15.97
N PHE A 294 -8.12 8.85 16.36
CA PHE A 294 -7.29 7.84 17.07
C PHE A 294 -7.33 8.07 18.58
N GLN A 295 -8.18 8.97 19.08
CA GLN A 295 -8.19 9.31 20.54
C GLN A 295 -8.46 8.04 21.35
N ASP A 296 -9.32 7.17 20.86
CA ASP A 296 -9.78 5.96 21.58
C ASP A 296 -9.21 4.72 20.91
N VAL A 297 -8.05 4.81 20.26
CA VAL A 297 -7.50 3.64 19.52
C VAL A 297 -7.04 2.61 20.55
N THR A 298 -7.18 1.34 20.18
CA THR A 298 -6.82 0.15 20.99
C THR A 298 -6.09 -0.83 20.07
N LYS A 299 -5.68 -1.97 20.62
CA LYS A 299 -5.07 -3.06 19.81
C LYS A 299 -5.83 -4.37 20.09
N PRO A 300 -6.98 -4.58 19.41
CA PRO A 300 -7.70 -5.83 19.51
C PRO A 300 -6.94 -7.01 18.88
N VAL A 301 -7.28 -8.22 19.30
CA VAL A 301 -6.82 -9.49 18.69
C VAL A 301 -7.80 -9.88 17.59
N PRO A 302 -7.34 -10.09 16.35
CA PRO A 302 -8.22 -10.58 15.28
C PRO A 302 -8.51 -12.08 15.42
N HIS A 303 -9.60 -12.51 14.80
CA HIS A 303 -9.99 -13.92 14.55
C HIS A 303 -9.31 -14.38 13.26
N LEU A 304 -8.19 -15.11 13.39
CA LEU A 304 -7.41 -15.66 12.24
C LEU A 304 -7.60 -17.18 12.22
N ARG A 305 -8.07 -17.72 11.09
CA ARG A 305 -8.06 -19.17 10.75
C ARG A 305 -6.78 -19.42 9.93
N LEU A 306 -5.82 -20.15 10.49
CA LEU A 306 -4.54 -20.51 9.81
C LEU A 306 -4.55 -22.00 9.42
C4 HH8 B . 4.77 -11.28 0.95
C5 HH8 B . 6.49 -9.84 1.39
C6 HH8 B . 6.81 -10.43 2.62
C7 HH8 B . 6.06 -11.48 3.03
C8 HH8 B . 5.01 -11.94 2.19
N1 HH8 B . 3.78 -11.68 0.11
N2 HH8 B . 5.53 -10.23 0.58
C3 HH8 B . 3.03 -12.71 0.47
BR1 HH8 B . 4.44 -13.87 4.19
C1 HH8 B . 4.18 -13.02 2.52
C2 HH8 B . 3.20 -13.40 1.68
#